data_7EST
#
_entry.id   7EST
#
_cell.length_a   52.530
_cell.length_b   57.470
_cell.length_c   75.260
_cell.angle_alpha   90.00
_cell.angle_beta   90.00
_cell.angle_gamma   90.00
#
_symmetry.space_group_name_H-M   'P 21 21 21'
#
loop_
_entity.id
_entity.type
_entity.pdbx_description
1 polymer ELASTASE
2 non-polymer N-(trifluoroacetyl)-L-leucyl-N-[4-(trifluoromethyl)phenyl]-L-alaninamide
3 non-polymer 'SULFATE ION'
4 non-polymer 'CALCIUM ION'
5 non-polymer DIMETHYLFORMAMIDE
6 water water
#
_entity_poly.entity_id   1
_entity_poly.type   'polypeptide(L)'
_entity_poly.pdbx_seq_one_letter_code
;VVGGTEAQRNSWPSQISLQYRSGSSWAHTCGGTLIRQNWVMTAAHCVDRELTFRVVVGEHNLNQNNGTEQYVGVQKIVVH
PYWNTDDVAAGYDIALLRLAQSVTLNSYVQLGVLPRAGTILANNSPCYITGWGLTRTNGQLAQTLQQAYLPTVDYAICSS
SSYWGSTVKNSMVCAGGDGVRSGCQGDSGGPLHCLVNGQYAVHGVTSFVSRLGCNVTRKPTVFTRVSAYISWINNVIASN
;
_entity_poly.pdbx_strand_id   E
#
loop_
_chem_comp.id
_chem_comp.type
_chem_comp.name
_chem_comp.formula
0Z2 peptide-like N-(trifluoroacetyl)-L-leucyl-N-[4-(trifluoromethyl)phenyl]-L-alaninamide 'C18 H21 F6 N3 O3'
CA non-polymer 'CALCIUM ION' 'Ca 2'
DMF non-polymer DIMETHYLFORMAMIDE 'C3 H7 N O'
SO4 non-polymer 'SULFATE ION' 'O4 S -2'
#
# COMPACT_ATOMS: atom_id res chain seq x y z
N VAL A 1 9.60 -2.41 -4.97
CA VAL A 1 10.23 -1.93 -3.75
C VAL A 1 11.69 -1.86 -4.22
N VAL A 2 12.44 -0.77 -4.07
CA VAL A 2 13.85 -0.79 -4.47
C VAL A 2 14.62 -1.15 -3.19
N GLY A 3 15.68 -1.94 -3.33
CA GLY A 3 16.51 -2.38 -2.20
C GLY A 3 15.81 -3.39 -1.29
N GLY A 4 15.10 -4.33 -1.90
CA GLY A 4 14.28 -5.28 -1.16
C GLY A 4 14.88 -6.67 -1.07
N THR A 5 14.18 -7.48 -0.29
CA THR A 5 14.49 -8.88 -0.08
C THR A 5 13.17 -9.62 -0.31
N GLU A 6 13.20 -10.75 -1.03
CA GLU A 6 12.02 -11.58 -1.21
C GLU A 6 11.41 -11.91 0.15
N ALA A 7 10.14 -11.62 0.34
CA ALA A 7 9.46 -12.04 1.54
C ALA A 7 9.10 -13.53 1.44
N GLN A 8 8.64 -14.11 2.55
CA GLN A 8 8.28 -15.52 2.56
C GLN A 8 6.80 -15.68 2.21
N ARG A 9 6.38 -16.88 1.78
CA ARG A 9 4.99 -17.20 1.41
C ARG A 9 3.91 -16.75 2.36
N ASN A 10 4.25 -16.58 3.62
CA ASN A 10 3.25 -16.26 4.59
C ASN A 10 3.67 -15.18 5.53
N SER A 11 4.73 -14.36 5.27
CA SER A 11 5.10 -13.32 6.23
C SER A 11 4.05 -12.21 6.23
N TRP A 12 3.47 -11.91 5.07
CA TRP A 12 2.57 -10.77 4.94
C TRP A 12 1.29 -11.21 4.20
N PRO A 13 0.27 -11.76 4.90
CA PRO A 13 -0.86 -12.42 4.26
C PRO A 13 -2.11 -11.58 3.95
N SER A 14 -2.20 -10.35 4.48
CA SER A 14 -3.13 -9.33 4.01
C SER A 14 -2.84 -8.67 2.65
N GLN A 15 -1.63 -8.86 2.12
CA GLN A 15 -1.14 -8.27 0.89
C GLN A 15 -1.83 -8.87 -0.33
N ILE A 16 -2.51 -8.01 -1.08
CA ILE A 16 -3.18 -8.47 -2.29
C ILE A 16 -2.52 -7.82 -3.51
N SER A 17 -2.78 -8.37 -4.69
CA SER A 17 -2.44 -7.75 -5.96
C SER A 17 -3.74 -7.17 -6.52
N LEU A 18 -3.71 -5.90 -6.90
CA LEU A 18 -4.74 -5.31 -7.72
C LEU A 18 -4.27 -5.50 -9.13
N GLN A 19 -5.11 -6.16 -9.91
CA GLN A 19 -4.81 -6.41 -11.29
C GLN A 19 -5.89 -5.84 -12.20
N TYR A 20 -5.51 -5.28 -13.34
CA TYR A 20 -6.48 -4.78 -14.27
C TYR A 20 -6.42 -5.61 -15.54
N ARG A 21 -7.53 -5.83 -16.25
CA ARG A 21 -7.46 -6.64 -17.46
C ARG A 21 -6.79 -5.85 -18.57
N SER A 22 -6.02 -6.58 -19.36
CA SER A 22 -5.04 -6.02 -20.26
C SER A 22 -5.30 -6.79 -21.54
N GLY A 23 -6.46 -6.55 -22.16
CA GLY A 23 -6.81 -7.11 -23.46
C GLY A 23 -7.20 -8.56 -23.34
N SER A 24 -6.16 -9.38 -23.29
CA SER A 24 -6.27 -10.82 -23.27
C SER A 24 -6.07 -11.40 -21.85
N SER A 25 -5.43 -10.64 -20.95
CA SER A 25 -4.75 -11.16 -19.77
C SER A 25 -4.92 -10.19 -18.62
N TRP A 26 -4.35 -10.34 -17.43
CA TRP A 26 -4.48 -9.38 -16.35
C TRP A 26 -3.11 -8.82 -16.07
N ALA A 27 -2.99 -7.66 -15.43
CA ALA A 27 -1.69 -7.08 -15.17
C ALA A 27 -1.64 -6.48 -13.79
N HIS A 28 -0.46 -6.56 -13.15
CA HIS A 28 -0.24 -5.92 -11.87
C HIS A 28 -0.17 -4.41 -12.03
N THR A 29 -0.98 -3.73 -11.24
CA THR A 29 -0.92 -2.29 -11.21
C THR A 29 -0.46 -1.93 -9.79
N CYS A 30 -1.18 -2.30 -8.73
CA CYS A 30 -0.96 -1.71 -7.41
C CYS A 30 -1.07 -2.79 -6.35
N GLY A 31 -0.69 -2.55 -5.09
CA GLY A 31 -1.00 -3.47 -4.00
C GLY A 31 -2.29 -3.12 -3.27
N GLY A 32 -2.45 -3.60 -2.06
CA GLY A 32 -3.60 -3.31 -1.22
C GLY A 32 -3.57 -4.15 0.05
N THR A 33 -4.45 -3.87 1.00
CA THR A 33 -4.64 -4.65 2.21
C THR A 33 -6.08 -5.13 2.35
N LEU A 34 -6.24 -6.46 2.29
CA LEU A 34 -7.51 -7.13 2.61
C LEU A 34 -7.86 -6.77 4.04
N ILE A 35 -8.80 -5.84 4.20
CA ILE A 35 -9.24 -5.47 5.52
C ILE A 35 -10.54 -6.15 5.97
N ARG A 36 -11.45 -6.62 5.12
CA ARG A 36 -12.52 -7.51 5.57
C ARG A 36 -12.48 -8.71 4.69
N GLN A 37 -13.25 -9.80 4.89
CA GLN A 37 -13.23 -10.93 3.97
C GLN A 37 -13.60 -10.55 2.53
N ASN A 38 -14.35 -9.45 2.39
CA ASN A 38 -14.71 -8.92 1.11
C ASN A 38 -14.35 -7.44 0.97
N TRP A 39 -13.37 -6.89 1.71
CA TRP A 39 -12.97 -5.50 1.51
C TRP A 39 -11.46 -5.28 1.44
N VAL A 40 -11.01 -4.67 0.36
CA VAL A 40 -9.62 -4.27 0.17
C VAL A 40 -9.42 -2.75 0.19
N MET A 41 -8.73 -2.26 1.22
CA MET A 41 -8.12 -0.94 1.19
C MET A 41 -7.02 -0.88 0.12
N THR A 42 -6.97 0.20 -0.66
CA THR A 42 -5.88 0.50 -1.58
C THR A 42 -5.84 2.02 -1.67
N ALA A 43 -5.07 2.54 -2.60
CA ALA A 43 -5.06 3.94 -2.98
C ALA A 43 -6.22 4.27 -3.90
N ALA A 44 -6.85 5.42 -3.67
CA ALA A 44 -7.75 6.06 -4.63
C ALA A 44 -7.06 6.17 -5.99
N HIS A 45 -5.90 6.80 -6.05
CA HIS A 45 -4.95 6.72 -7.15
C HIS A 45 -4.77 5.42 -7.93
N CYS A 46 -4.97 4.24 -7.36
CA CYS A 46 -4.80 3.01 -8.14
C CYS A 46 -5.99 2.80 -9.06
N VAL A 47 -7.15 3.08 -8.48
CA VAL A 47 -8.43 2.83 -9.09
C VAL A 47 -8.91 4.13 -9.73
N ASP A 48 -8.02 4.80 -10.45
CA ASP A 48 -8.32 6.12 -10.97
C ASP A 48 -8.67 6.02 -12.44
N ARG A 49 -8.16 5.00 -13.14
CA ARG A 49 -8.50 4.75 -14.53
C ARG A 49 -9.72 3.83 -14.69
N GLU A 50 -10.53 4.04 -15.72
CA GLU A 50 -11.66 3.18 -16.06
C GLU A 50 -11.26 1.83 -16.67
N LEU A 51 -10.76 0.91 -15.85
CA LEU A 51 -10.19 -0.37 -16.32
C LEU A 51 -10.90 -1.52 -15.58
N THR A 52 -11.08 -2.74 -16.08
CA THR A 52 -11.71 -3.79 -15.26
C THR A 52 -10.70 -4.35 -14.23
N PHE A 53 -11.01 -4.42 -12.93
CA PHE A 53 -10.06 -4.86 -11.91
C PHE A 53 -10.43 -6.19 -11.23
N ARG A 54 -9.46 -7.09 -11.02
CA ARG A 54 -9.63 -8.20 -10.08
C ARG A 54 -8.64 -8.02 -8.92
N VAL A 55 -8.92 -8.62 -7.77
CA VAL A 55 -8.02 -8.71 -6.65
C VAL A 55 -7.54 -10.15 -6.59
N VAL A 56 -6.25 -10.35 -6.26
CA VAL A 56 -5.67 -11.68 -6.06
C VAL A 56 -5.18 -11.78 -4.61
N VAL A 57 -5.84 -12.58 -3.77
CA VAL A 57 -5.38 -12.91 -2.42
C VAL A 57 -4.52 -14.20 -2.49
N GLY A 58 -3.56 -14.46 -1.59
CA GLY A 58 -2.73 -15.66 -1.68
C GLY A 58 -1.63 -15.59 -2.73
N GLU A 59 -1.23 -14.38 -3.11
CA GLU A 59 -0.30 -14.23 -4.20
C GLU A 59 1.10 -14.12 -3.65
N HIS A 60 2.06 -14.85 -4.22
CA HIS A 60 3.45 -14.62 -3.86
C HIS A 60 4.28 -14.39 -5.09
N ASN A 61 4.04 -15.23 -6.08
CA ASN A 61 4.73 -15.10 -7.34
C ASN A 61 3.64 -14.83 -8.34
N LEU A 62 3.74 -13.68 -9.01
CA LEU A 62 2.73 -13.22 -9.95
C LEU A 62 2.71 -14.18 -11.12
N ASN A 63 3.86 -14.34 -11.75
CA ASN A 63 4.04 -15.03 -13.04
C ASN A 63 3.85 -16.56 -13.04
N GLN A 64 3.80 -17.17 -11.85
CA GLN A 64 3.79 -18.61 -11.68
C GLN A 64 2.68 -19.08 -10.73
N ASN A 65 2.12 -20.29 -10.88
CA ASN A 65 1.02 -20.76 -10.05
C ASN A 65 1.54 -21.26 -8.71
N ASN A 66 1.10 -20.66 -7.61
CA ASN A 66 1.66 -20.98 -6.30
C ASN A 66 0.85 -22.04 -5.58
N GLY A 67 -0.37 -22.34 -6.04
CA GLY A 67 -1.29 -23.22 -5.34
C GLY A 67 -2.12 -22.54 -4.26
N THR A 68 -1.91 -21.25 -4.05
CA THR A 68 -2.50 -20.48 -2.95
C THR A 68 -3.36 -19.30 -3.38
N GLU A 69 -3.49 -19.04 -4.69
CA GLU A 69 -4.09 -17.80 -5.13
C GLU A 69 -5.58 -18.00 -5.18
N GLN A 70 -6.28 -16.93 -4.81
CA GLN A 70 -7.71 -16.78 -5.03
C GLN A 70 -7.81 -15.49 -5.84
N TYR A 71 -8.59 -15.54 -6.92
CA TYR A 71 -8.78 -14.44 -7.82
C TYR A 71 -10.25 -14.07 -7.58
N VAL A 72 -10.57 -12.81 -7.25
CA VAL A 72 -11.94 -12.37 -6.98
C VAL A 72 -12.12 -11.01 -7.63
N GLY A 73 -13.21 -10.79 -8.35
CA GLY A 73 -13.44 -9.52 -9.06
C GLY A 73 -13.87 -8.39 -8.14
N VAL A 74 -13.49 -7.16 -8.45
CA VAL A 74 -13.87 -6.01 -7.65
C VAL A 74 -15.32 -5.63 -7.97
N GLN A 75 -16.16 -5.60 -6.96
CA GLN A 75 -17.56 -5.22 -7.12
C GLN A 75 -17.70 -3.70 -7.04
N LYS A 76 -17.28 -3.02 -5.97
CA LYS A 76 -17.54 -1.58 -5.83
C LYS A 76 -16.30 -0.78 -5.37
N ILE A 77 -15.93 0.31 -6.05
CA ILE A 77 -14.76 1.13 -5.71
C ILE A 77 -15.18 2.45 -5.08
N VAL A 78 -14.92 2.60 -3.78
CA VAL A 78 -15.33 3.77 -3.03
C VAL A 78 -14.08 4.58 -2.80
N VAL A 79 -13.96 5.74 -3.44
CA VAL A 79 -12.75 6.55 -3.28
C VAL A 79 -13.04 7.57 -2.19
N HIS A 80 -12.00 8.11 -1.53
CA HIS A 80 -12.20 9.16 -0.54
C HIS A 80 -12.92 10.32 -1.24
N PRO A 81 -14.06 10.85 -0.74
CA PRO A 81 -14.80 11.96 -1.35
C PRO A 81 -13.93 13.14 -1.73
N TYR A 82 -12.87 13.37 -0.95
CA TYR A 82 -12.05 14.56 -1.03
C TYR A 82 -10.78 14.40 -1.86
N TRP A 83 -10.62 13.25 -2.50
CA TRP A 83 -9.38 12.97 -3.20
C TRP A 83 -9.40 13.72 -4.53
N ASN A 84 -8.42 14.58 -4.77
CA ASN A 84 -8.23 15.17 -6.07
C ASN A 84 -7.02 14.54 -6.74
N THR A 85 -7.40 13.79 -7.75
CA THR A 85 -6.55 13.22 -8.79
C THR A 85 -5.36 14.04 -9.29
N ASP A 86 -5.44 15.37 -9.41
CA ASP A 86 -4.33 16.22 -9.85
C ASP A 86 -3.50 16.81 -8.69
N ASP A 87 -3.46 16.18 -7.50
CA ASP A 87 -2.80 16.77 -6.33
C ASP A 87 -2.62 15.67 -5.28
N VAL A 88 -1.65 14.75 -5.41
CA VAL A 88 -1.35 13.75 -4.36
C VAL A 88 -1.01 14.38 -3.02
N ALA A 89 -0.35 15.53 -3.16
CA ALA A 89 0.15 16.30 -2.03
C ALA A 89 -0.95 16.87 -1.16
N ALA A 90 -2.23 16.95 -1.57
CA ALA A 90 -3.31 17.34 -0.66
C ALA A 90 -3.63 16.24 0.33
N GLY A 91 -3.32 15.01 -0.09
CA GLY A 91 -3.57 13.86 0.73
C GLY A 91 -4.75 13.13 0.16
N TYR A 92 -5.47 12.49 1.08
CA TYR A 92 -6.72 11.78 0.85
C TYR A 92 -6.65 10.57 -0.10
N ASP A 93 -5.44 10.05 -0.26
CA ASP A 93 -5.13 9.07 -1.28
C ASP A 93 -5.45 7.65 -0.81
N ILE A 94 -6.74 7.32 -0.80
CA ILE A 94 -7.26 6.08 -0.22
C ILE A 94 -8.65 5.71 -0.75
N ALA A 95 -8.83 4.42 -1.06
CA ALA A 95 -10.06 3.86 -1.63
C ALA A 95 -10.34 2.47 -1.05
N LEU A 96 -11.60 2.17 -0.76
CA LEU A 96 -12.01 0.85 -0.31
C LEU A 96 -12.71 0.08 -1.42
N LEU A 97 -12.26 -1.15 -1.75
CA LEU A 97 -12.86 -1.99 -2.79
C LEU A 97 -13.67 -3.13 -2.18
N ARG A 98 -14.96 -3.22 -2.44
CA ARG A 98 -15.80 -4.32 -2.00
C ARG A 98 -15.67 -5.40 -3.05
N LEU A 99 -15.37 -6.63 -2.64
CA LEU A 99 -15.00 -7.72 -3.55
C LEU A 99 -16.29 -8.48 -3.85
N ALA A 100 -16.37 -9.14 -5.00
CA ALA A 100 -17.60 -9.81 -5.42
C ALA A 100 -17.94 -11.00 -4.55
N GLN A 101 -16.90 -11.67 -4.05
CA GLN A 101 -17.05 -12.79 -3.15
C GLN A 101 -16.33 -12.35 -1.89
N SER A 102 -16.65 -12.96 -0.74
CA SER A 102 -15.74 -12.96 0.40
C SER A 102 -14.75 -14.09 0.23
N VAL A 103 -13.48 -13.89 0.56
CA VAL A 103 -12.49 -14.89 0.32
C VAL A 103 -12.29 -15.80 1.54
N THR A 104 -11.84 -17.03 1.28
CA THR A 104 -11.49 -18.06 2.27
C THR A 104 -10.28 -17.60 3.09
N LEU A 105 -10.42 -17.57 4.42
CA LEU A 105 -9.26 -17.35 5.26
C LEU A 105 -8.52 -18.67 5.49
N ASN A 106 -7.19 -18.55 5.50
CA ASN A 106 -6.27 -19.67 5.66
C ASN A 106 -4.87 -19.11 5.91
N SER A 107 -3.75 -19.83 5.86
CA SER A 107 -2.46 -19.29 6.30
C SER A 107 -1.85 -18.22 5.40
N TYR A 108 -2.37 -18.16 4.17
CA TYR A 108 -1.91 -17.25 3.15
C TYR A 108 -2.86 -16.07 2.92
N VAL A 109 -4.03 -16.09 3.57
CA VAL A 109 -5.12 -15.17 3.25
C VAL A 109 -5.73 -14.81 4.60
N GLN A 110 -5.21 -13.70 5.14
CA GLN A 110 -5.65 -13.18 6.42
C GLN A 110 -5.95 -11.68 6.35
N LEU A 111 -6.75 -11.23 7.29
CA LEU A 111 -7.00 -9.83 7.50
C LEU A 111 -5.83 -9.01 8.04
N GLY A 112 -5.53 -7.85 7.44
CA GLY A 112 -4.57 -6.92 7.99
C GLY A 112 -5.17 -6.16 9.15
N VAL A 113 -4.35 -5.84 10.14
CA VAL A 113 -4.81 -5.27 11.40
C VAL A 113 -4.69 -3.76 11.25
N LEU A 114 -5.68 -3.01 11.68
CA LEU A 114 -5.67 -1.57 11.53
C LEU A 114 -5.28 -0.89 12.83
N PRO A 115 -4.53 0.23 12.78
CA PRO A 115 -4.20 1.04 13.94
C PRO A 115 -5.41 1.62 14.61
N ARG A 116 -5.17 2.12 15.80
CA ARG A 116 -6.20 2.92 16.43
C ARG A 116 -6.10 4.33 15.88
N ALA A 117 -7.23 5.03 15.85
CA ALA A 117 -7.30 6.38 15.33
C ALA A 117 -6.52 7.39 16.15
N GLY A 118 -5.81 8.31 15.50
CA GLY A 118 -4.98 9.25 16.20
C GLY A 118 -3.55 8.77 16.33
N THR A 119 -3.28 7.48 16.12
CA THR A 119 -1.97 6.89 16.41
C THR A 119 -0.85 7.40 15.50
N ILE A 120 0.11 8.08 16.11
CA ILE A 120 1.28 8.61 15.41
C ILE A 120 2.48 7.77 15.80
N LEU A 121 3.18 7.29 14.77
CA LEU A 121 4.42 6.56 14.98
C LEU A 121 5.54 7.53 15.40
N ALA A 122 6.48 7.04 16.18
CA ALA A 122 7.54 7.87 16.71
C ALA A 122 8.68 7.86 15.72
N ASN A 123 9.47 8.93 15.61
CA ASN A 123 10.55 8.94 14.64
C ASN A 123 11.54 7.85 14.94
N ASN A 124 11.44 6.94 13.98
CA ASN A 124 12.24 5.75 13.77
C ASN A 124 11.50 4.44 13.76
N SER A 125 10.20 4.42 14.08
CA SER A 125 9.41 3.18 14.14
C SER A 125 9.74 2.15 13.07
N PRO A 126 10.06 0.93 13.49
CA PRO A 126 10.37 -0.17 12.60
C PRO A 126 9.17 -0.53 11.75
N CYS A 127 9.31 -0.36 10.44
CA CYS A 127 8.22 -0.60 9.51
C CYS A 127 8.75 -1.31 8.27
N TYR A 128 7.94 -2.19 7.71
CA TYR A 128 8.28 -2.85 6.46
C TYR A 128 7.26 -2.51 5.41
N ILE A 129 7.85 -2.19 4.27
CA ILE A 129 7.13 -1.98 3.03
C ILE A 129 7.20 -3.27 2.22
N THR A 130 6.06 -3.69 1.69
CA THR A 130 5.92 -4.92 0.94
C THR A 130 5.33 -4.65 -0.44
N GLY A 131 5.81 -5.19 -1.56
CA GLY A 131 5.14 -5.06 -2.85
C GLY A 131 5.77 -5.74 -4.04
N TRP A 132 5.13 -5.66 -5.19
CA TRP A 132 5.69 -6.25 -6.38
C TRP A 132 6.20 -5.17 -7.33
N GLY A 133 6.22 -3.93 -6.86
CA GLY A 133 6.60 -2.79 -7.66
C GLY A 133 8.06 -2.84 -8.13
N LEU A 134 8.44 -1.78 -8.87
CA LEU A 134 9.75 -1.68 -9.46
C LEU A 134 10.84 -1.81 -8.41
N THR A 135 11.82 -2.62 -8.78
CA THR A 135 13.02 -2.85 -8.00
C THR A 135 14.22 -1.98 -8.40
N ARG A 136 14.02 -1.07 -9.35
CA ARG A 136 15.00 -0.08 -9.74
C ARG A 136 14.20 1.14 -10.18
N THR A 137 14.76 2.34 -10.11
CA THR A 137 14.16 3.49 -10.80
C THR A 137 14.22 3.19 -12.30
N ASN A 138 13.10 3.40 -12.98
CA ASN A 138 12.93 3.01 -14.38
C ASN A 138 13.18 1.55 -14.70
N GLY A 139 13.08 0.70 -13.67
CA GLY A 139 13.40 -0.71 -13.78
C GLY A 139 12.20 -1.56 -14.16
N GLN A 140 11.91 -2.59 -13.38
CA GLN A 140 10.96 -3.62 -13.76
C GLN A 140 10.30 -4.18 -12.51
N LEU A 141 9.06 -4.67 -12.62
CA LEU A 141 8.31 -5.14 -11.46
C LEU A 141 8.79 -6.52 -11.03
N ALA A 142 8.68 -6.82 -9.75
CA ALA A 142 9.18 -8.07 -9.19
C ALA A 142 8.21 -9.21 -9.43
N GLN A 143 8.79 -10.36 -9.82
CA GLN A 143 8.06 -11.62 -9.88
C GLN A 143 7.47 -12.06 -8.53
N THR A 144 8.19 -11.79 -7.45
CA THR A 144 7.90 -12.37 -6.16
C THR A 144 7.81 -11.23 -5.16
N LEU A 145 6.80 -11.26 -4.28
CA LEU A 145 6.63 -10.25 -3.22
C LEU A 145 7.94 -9.89 -2.51
N GLN A 146 8.21 -8.60 -2.43
CA GLN A 146 9.45 -8.11 -1.85
C GLN A 146 9.11 -7.27 -0.63
N GLN A 147 10.11 -7.08 0.23
CA GLN A 147 10.03 -6.26 1.42
C GLN A 147 11.32 -5.46 1.55
N ALA A 148 11.29 -4.30 2.21
CA ALA A 148 12.47 -3.52 2.54
C ALA A 148 12.16 -2.90 3.87
N TYR A 149 13.20 -2.67 4.65
CA TYR A 149 13.06 -2.10 5.96
C TYR A 149 12.99 -0.61 5.72
N LEU A 150 11.89 -0.01 6.21
CA LEU A 150 11.59 1.38 5.92
C LEU A 150 11.14 2.07 7.21
N PRO A 151 12.08 2.61 7.99
CA PRO A 151 11.80 3.24 9.28
C PRO A 151 11.19 4.64 9.16
N THR A 152 10.24 5.03 10.01
CA THR A 152 9.54 6.29 9.85
C THR A 152 10.35 7.54 10.14
N VAL A 153 10.20 8.51 9.24
CA VAL A 153 10.62 9.88 9.43
C VAL A 153 9.35 10.70 9.74
N ASP A 154 9.29 11.34 10.92
CA ASP A 154 8.10 12.02 11.42
C ASP A 154 7.75 13.29 10.67
N TYR A 155 6.55 13.85 10.91
CA TYR A 155 6.14 15.13 10.35
C TYR A 155 7.21 16.21 10.40
N ALA A 156 7.57 16.77 11.56
CA ALA A 156 8.65 17.75 11.71
C ALA A 156 9.91 17.66 10.82
N ILE A 157 10.50 16.46 10.71
CA ILE A 157 11.69 16.25 9.88
C ILE A 157 11.25 16.21 8.42
N CYS A 158 10.14 15.50 8.20
CA CYS A 158 9.70 15.24 6.83
C CYS A 158 9.23 16.56 6.18
N SER A 159 8.57 17.47 6.89
CA SER A 159 8.21 18.78 6.41
C SER A 159 9.25 19.91 6.45
N SER A 160 10.50 19.69 6.87
CA SER A 160 11.56 20.66 6.72
C SER A 160 11.88 20.87 5.24
N SER A 161 12.52 22.01 4.96
CA SER A 161 12.99 22.37 3.63
C SER A 161 13.89 21.33 2.97
N SER A 162 14.72 20.64 3.74
CA SER A 162 15.65 19.64 3.24
C SER A 162 15.07 18.33 2.70
N TYR A 163 13.92 17.94 3.28
CA TYR A 163 13.31 16.67 2.96
C TYR A 163 12.13 17.00 2.07
N TRP A 164 10.92 17.08 2.59
CA TRP A 164 9.78 17.24 1.73
C TRP A 164 9.21 18.63 1.61
N GLY A 165 9.34 19.40 2.69
CA GLY A 165 8.68 20.69 2.77
C GLY A 165 7.18 20.49 2.92
N SER A 166 6.42 21.37 2.26
CA SER A 166 4.99 21.46 2.46
C SER A 166 4.23 20.35 1.74
N THR A 167 4.92 19.62 0.87
CA THR A 167 4.37 18.52 0.12
C THR A 167 3.75 17.50 1.07
N VAL A 168 4.34 17.33 2.26
CA VAL A 168 3.84 16.34 3.20
C VAL A 168 3.08 17.01 4.32
N LYS A 169 2.03 16.28 4.68
CA LYS A 169 1.05 16.74 5.62
C LYS A 169 1.16 15.82 6.82
N ASN A 170 0.38 16.12 7.85
CA ASN A 170 0.32 15.23 9.00
C ASN A 170 -0.68 14.11 8.80
N SER A 171 -1.45 14.15 7.71
CA SER A 171 -2.28 13.03 7.26
C SER A 171 -1.45 11.92 6.63
N MET A 172 -0.13 11.97 6.82
CA MET A 172 0.84 11.31 5.97
C MET A 172 1.97 10.75 6.86
N VAL A 173 2.53 9.60 6.47
CA VAL A 173 3.70 8.95 7.09
C VAL A 173 4.79 8.99 6.02
N CYS A 174 6.01 9.42 6.31
CA CYS A 174 7.08 9.24 5.34
C CYS A 174 8.01 8.16 5.88
N ALA A 175 8.09 6.95 5.35
CA ALA A 175 9.05 6.01 5.88
C ALA A 175 10.23 5.93 4.94
N GLY A 176 11.46 5.87 5.47
CA GLY A 176 12.67 5.67 4.68
C GLY A 176 13.53 6.91 4.46
N GLY A 177 14.08 7.12 3.26
CA GLY A 177 14.83 8.32 2.93
C GLY A 177 16.31 8.14 2.65
N ASP A 178 16.87 6.92 2.67
CA ASP A 178 18.32 6.74 2.83
C ASP A 178 19.12 6.52 1.55
N GLY A 179 18.58 6.93 0.41
CA GLY A 179 19.20 6.67 -0.88
C GLY A 179 19.11 5.21 -1.32
N VAL A 180 18.98 4.22 -0.44
CA VAL A 180 19.04 2.83 -0.84
C VAL A 180 17.68 2.15 -0.96
N ARG A 181 16.77 2.31 -0.01
CA ARG A 181 15.48 1.64 -0.06
C ARG A 181 14.36 2.66 -0.13
N SER A 182 13.18 2.18 -0.57
CA SER A 182 11.92 2.91 -0.60
C SER A 182 10.93 2.09 -1.42
N GLY A 183 9.70 2.59 -1.48
CA GLY A 183 8.76 2.14 -2.49
C GLY A 183 9.13 2.62 -3.89
N CYS A 184 8.34 2.18 -4.86
CA CYS A 184 8.52 2.60 -6.25
C CYS A 184 7.24 2.17 -6.95
N GLN A 185 7.13 2.51 -8.22
CA GLN A 185 5.94 2.30 -9.02
C GLN A 185 5.40 0.88 -9.05
N GLY A 186 4.13 0.69 -8.72
CA GLY A 186 3.51 -0.62 -8.63
C GLY A 186 3.38 -1.14 -7.19
N ASP A 187 4.00 -0.46 -6.22
CA ASP A 187 3.81 -0.81 -4.83
C ASP A 187 2.65 0.01 -4.25
N SER A 188 2.26 1.07 -4.97
CA SER A 188 1.21 1.99 -4.58
C SER A 188 -0.05 1.30 -4.10
N GLY A 189 -0.76 1.85 -3.14
CA GLY A 189 -1.91 1.16 -2.64
C GLY A 189 -1.52 0.17 -1.56
N GLY A 190 -0.27 -0.29 -1.53
CA GLY A 190 0.18 -1.33 -0.64
C GLY A 190 0.30 -0.93 0.81
N PRO A 191 0.57 -1.91 1.67
CA PRO A 191 0.64 -1.69 3.10
C PRO A 191 2.02 -1.34 3.62
N LEU A 192 2.04 -0.42 4.58
CA LEU A 192 3.21 -0.22 5.44
C LEU A 192 2.93 -0.93 6.75
N HIS A 193 3.70 -1.95 7.10
CA HIS A 193 3.47 -2.72 8.31
C HIS A 193 4.39 -2.26 9.42
N CYS A 194 3.92 -1.85 10.58
CA CYS A 194 4.82 -1.42 11.64
C CYS A 194 4.47 -2.13 12.93
N LEU A 195 5.51 -2.38 13.71
CA LEU A 195 5.41 -3.20 14.92
C LEU A 195 4.89 -2.38 16.10
N VAL A 196 3.75 -2.76 16.69
CA VAL A 196 3.14 -2.01 17.79
C VAL A 196 2.58 -3.04 18.76
N ASN A 197 3.06 -3.04 20.01
CA ASN A 197 2.71 -4.00 21.07
C ASN A 197 2.62 -5.46 20.63
N GLY A 198 3.69 -5.93 19.99
CA GLY A 198 3.76 -7.30 19.50
C GLY A 198 3.00 -7.60 18.21
N GLN A 199 2.24 -6.66 17.63
CA GLN A 199 1.55 -6.90 16.35
C GLN A 199 2.09 -6.06 15.21
N TYR A 200 2.10 -6.62 13.99
CA TYR A 200 2.24 -5.85 12.77
C TYR A 200 0.96 -5.15 12.28
N ALA A 201 0.80 -3.87 12.62
CA ALA A 201 -0.33 -3.09 12.13
C ALA A 201 -0.05 -2.35 10.82
N VAL A 202 -1.03 -2.20 9.94
CA VAL A 202 -0.84 -1.51 8.66
C VAL A 202 -1.00 0.00 8.94
N HIS A 203 0.05 0.82 8.84
CA HIS A 203 -0.04 2.23 9.19
C HIS A 203 -0.05 3.20 8.03
N GLY A 204 0.31 2.73 6.84
CA GLY A 204 0.31 3.56 5.68
C GLY A 204 -0.23 2.81 4.49
N VAL A 205 -0.76 3.54 3.51
CA VAL A 205 -1.08 2.99 2.20
C VAL A 205 -0.16 3.72 1.23
N THR A 206 0.73 3.07 0.50
CA THR A 206 1.73 3.71 -0.37
C THR A 206 1.23 4.71 -1.41
N SER A 207 1.74 5.95 -1.30
CA SER A 207 1.27 7.03 -2.15
C SER A 207 2.32 7.47 -3.15
N PHE A 208 3.46 8.06 -2.74
CA PHE A 208 4.36 8.71 -3.69
C PHE A 208 5.83 8.71 -3.30
N VAL A 209 6.62 8.79 -4.36
CA VAL A 209 8.06 8.99 -4.34
C VAL A 209 8.33 10.29 -5.10
N SER A 210 9.55 10.82 -5.07
CA SER A 210 9.87 12.02 -5.78
C SER A 210 9.66 11.82 -7.28
N ARG A 211 9.37 12.92 -7.98
CA ARG A 211 9.33 12.93 -9.45
C ARG A 211 10.64 12.39 -10.04
N LEU A 212 11.73 12.40 -9.28
CA LEU A 212 13.09 12.20 -9.78
C LEU A 212 13.53 10.73 -9.70
N GLY A 213 12.87 9.90 -8.89
CA GLY A 213 13.30 8.52 -8.73
C GLY A 213 12.84 7.99 -7.39
N CYS A 214 12.87 6.68 -7.25
CA CYS A 214 12.31 6.04 -6.08
C CYS A 214 13.16 6.14 -4.81
N ASN A 215 14.35 5.59 -4.88
CA ASN A 215 15.31 5.64 -3.80
C ASN A 215 16.05 6.97 -3.84
N VAL A 216 15.54 8.07 -3.31
CA VAL A 216 16.29 9.32 -3.33
C VAL A 216 16.58 9.81 -1.92
N THR A 217 17.81 10.26 -1.68
CA THR A 217 18.24 10.75 -0.38
C THR A 217 17.43 11.97 0.02
N ARG A 218 16.98 11.92 1.26
CA ARG A 218 16.11 12.91 1.86
C ARG A 218 14.74 13.02 1.22
N LYS A 219 14.34 12.11 0.32
CA LYS A 219 12.95 12.06 -0.09
C LYS A 219 12.42 10.71 0.37
N PRO A 220 11.90 10.51 1.58
CA PRO A 220 11.25 9.27 1.98
C PRO A 220 10.12 8.81 1.08
N THR A 221 9.56 7.61 1.30
CA THR A 221 8.36 7.20 0.60
C THR A 221 7.20 7.77 1.42
N VAL A 222 6.15 8.30 0.77
CA VAL A 222 5.02 8.86 1.51
C VAL A 222 3.78 7.96 1.41
N PHE A 223 3.15 7.74 2.54
CA PHE A 223 2.05 6.82 2.73
C PHE A 223 0.92 7.61 3.36
N THR A 224 -0.30 7.35 2.90
CA THR A 224 -1.52 7.81 3.54
C THR A 224 -1.50 7.17 4.93
N ARG A 225 -1.47 7.96 5.98
CA ARG A 225 -1.43 7.42 7.32
C ARG A 225 -2.83 6.96 7.71
N VAL A 226 -3.05 5.66 7.54
CA VAL A 226 -4.27 4.96 7.93
C VAL A 226 -4.93 5.46 9.23
N SER A 227 -4.31 5.62 10.41
CA SER A 227 -5.02 6.07 11.60
C SER A 227 -5.84 7.36 11.56
N ALA A 228 -5.53 8.21 10.58
CA ALA A 228 -6.32 9.40 10.28
C ALA A 228 -7.68 9.00 9.69
N TYR A 229 -7.68 7.93 8.91
CA TYR A 229 -8.85 7.55 8.12
C TYR A 229 -9.73 6.43 8.66
N ILE A 230 -9.59 6.09 9.93
CA ILE A 230 -10.26 4.93 10.49
C ILE A 230 -11.78 5.07 10.42
N SER A 231 -12.37 6.12 11.00
CA SER A 231 -13.81 6.36 10.97
C SER A 231 -14.45 6.36 9.58
N TRP A 232 -13.78 6.92 8.58
CA TRP A 232 -14.23 6.89 7.19
C TRP A 232 -14.30 5.43 6.71
N ILE A 233 -13.31 4.59 7.05
CA ILE A 233 -13.26 3.18 6.65
C ILE A 233 -14.46 2.44 7.24
N ASN A 234 -14.54 2.51 8.56
CA ASN A 234 -15.61 1.90 9.31
C ASN A 234 -16.96 2.34 8.76
N ASN A 235 -17.21 3.64 8.51
CA ASN A 235 -18.47 4.12 7.95
C ASN A 235 -18.77 3.59 6.55
N VAL A 236 -17.81 3.55 5.63
CA VAL A 236 -17.99 3.00 4.28
C VAL A 236 -18.32 1.51 4.31
N ILE A 237 -17.74 0.76 5.23
CA ILE A 237 -18.04 -0.65 5.39
C ILE A 237 -19.39 -0.85 6.09
N ALA A 238 -19.72 0.02 7.06
CA ALA A 238 -20.99 -0.04 7.75
C ALA A 238 -22.15 0.29 6.81
N SER A 239 -21.99 1.28 5.95
CA SER A 239 -23.07 1.67 5.06
C SER A 239 -22.57 1.55 3.62
N ASN A 240 -22.82 0.37 3.05
CA ASN A 240 -22.54 0.02 1.67
C ASN A 240 -22.89 -1.45 1.48
C1 0Z2 B . 4.45 5.52 -6.65
C2 0Z2 B . 4.56 4.73 -5.35
O 0Z2 B . 5.03 5.15 -7.69
F1 0Z2 B . 5.80 4.86 -4.85
F2 0Z2 B . 3.71 5.17 -4.41
F3 0Z2 B . 4.22 3.42 -5.43
N 0Z2 B . 3.75 6.65 -6.62
CA 0Z2 B . 3.50 7.54 -7.75
C 0Z2 B . 4.69 8.49 -7.87
O1 0Z2 B . 5.22 8.91 -6.85
CB 0Z2 B . 2.19 8.25 -7.38
CG 0Z2 B . 1.27 9.15 -8.23
CD1 0Z2 B . 1.82 10.55 -8.42
CD2 0Z2 B . 0.89 8.52 -9.54
N1 0Z2 B . 5.18 8.85 -9.08
CA1 0Z2 B . 6.21 9.88 -9.21
C3 0Z2 B . 5.60 11.27 -9.09
O2 0Z2 B . 4.91 11.80 -10.01
CB1 0Z2 B . 6.94 9.78 -10.55
N2 0Z2 B . 5.94 11.84 -7.91
C11 0Z2 B . 5.39 13.00 -7.45
C21 0Z2 B . 4.21 13.53 -7.93
C31 0Z2 B . 3.75 14.72 -7.38
C4 0Z2 B . 4.48 15.36 -6.42
C5 0Z2 B . 5.66 14.83 -5.94
C6 0Z2 B . 6.12 13.63 -6.47
C7 0Z2 B . 3.93 16.67 -5.89
F11 0Z2 B . 3.46 17.38 -6.93
F21 0Z2 B . 4.81 17.47 -5.24
F31 0Z2 B . 2.90 16.40 -5.04
S SO4 C . -5.68 12.54 13.08
O1 SO4 C . -4.72 13.54 12.69
O2 SO4 C . -5.09 11.25 13.13
O3 SO4 C . -6.20 12.86 14.38
O4 SO4 C . -6.72 12.54 12.10
CA CA D . 1.08 -16.46 -9.72
C1 DMF E . 7.25 3.76 -14.47
C2 DMF E . 5.12 2.44 -13.81
C DMF E . 7.13 1.32 -14.63
O DMF E . 6.98 0.81 -15.75
N DMF E . 6.53 2.46 -14.30
C1 DMF F . 7.77 -2.90 -16.37
C2 DMF F . 9.66 -1.87 -17.77
C DMF F . 8.27 -3.70 -18.63
O DMF F . 8.63 -4.89 -18.68
N DMF F . 8.60 -2.91 -17.61
C1 DMF G . 7.95 19.33 -9.78
C2 DMF G . 5.56 18.57 -9.14
C DMF G . 7.47 17.15 -8.90
O DMF G . 8.01 16.92 -7.82
N DMF G . 7.01 18.34 -9.20
C1 DMF H . 3.15 8.54 -12.20
C2 DMF H . 5.20 7.00 -12.14
C DMF H . 2.96 6.17 -11.62
O DMF H . 2.62 5.97 -10.47
N DMF H . 3.75 7.21 -11.90
C1 DMF I . 0.01 -12.87 0.14
C2 DMF I . 0.50 -15.36 0.34
C DMF I . 2.32 -13.71 0.27
O DMF I . 3.08 -13.86 -0.71
N DMF I . 1.01 -13.97 0.26
#